data_6Z7D
#
_entry.id   6Z7D
#
_cell.length_a   46.900
_cell.length_b   70.950
_cell.length_c   130.443
_cell.angle_alpha   90.000
_cell.angle_beta   90.000
_cell.angle_gamma   90.000
#
_symmetry.space_group_name_H-M   'P 21 21 2'
#
loop_
_entity.id
_entity.type
_entity.pdbx_description
1 polymer 'Variant surface glycoprotein Sur'
2 branched alpha-D-mannopyranose-(1-3)-alpha-D-mannopyranose-(1-6)-[alpha-D-mannopyranose-(1-3)]beta-D-mannopyranose-(1-4)-2-acetamido-2-deoxy-beta-D-glucopyranose-(1-4)-2-acetamido-2-deoxy-beta-D-glucopyranose
3 water water
#
_entity_poly.entity_id   1
_entity_poly.type   'polypeptide(L)'
_entity_poly.pdbx_seq_one_letter_code
;MQAVTRFFRHLITLTAVALLAAFLDTVNAAKDTAAGHVTTPCTEILFDLTLAKHYENQIQAAESALNRNYAAIRSWTLLE
AMSSDGNRQNAYTGLIAYGIQITVNAEQELQGPKQTKLRAAAALRHRAANLSAALQIQAAQQATLTKPTAGGAQTPFSGA
TGTCKYEGITATAGEQSCKYSTEDEEKINAAHMNPEVMTQITTIGDKYLTTITLDAIAGSKGNPTQSSATYAEQDCQDGG
NPGPNFGGANALGLQVTKLGTKATTEKTNLYTAGGTECEHQPGNGPQKTKQRLAYLVCEANKAAIITPTDLQTLTLDALI
SAPEMAAIGDALLTDEPATEKEYSSAQHTQIQQLLKKAYGQTNEQFQKNFIKPLAAQTVKFKIGGAEVSNTVAALMSSPN
SGLALAYHKGKNKLQHQVKPDTPLVESKKGSECQVIEDKEKCKTTYGCELKGDKCVVKMTTKGEVTGTQNTTGSNSFVIK
KAPLLLAFLLF
;
_entity_poly.pdbx_strand_id   A
#
loop_
_chem_comp.id
_chem_comp.type
_chem_comp.name
_chem_comp.formula
BMA D-saccharide, beta linking beta-D-mannopyranose 'C6 H12 O6'
MAN D-saccharide, alpha linking alpha-D-mannopyranose 'C6 H12 O6'
NAG D-saccharide, beta linking 2-acetamido-2-deoxy-beta-D-glucopyranose 'C8 H15 N O6'
#
# COMPACT_ATOMS: atom_id res chain seq x y z
N ALA A 30 -13.97 18.78 1.91
CA ALA A 30 -14.76 17.57 2.21
C ALA A 30 -13.80 16.47 2.69
N LYS A 31 -14.11 15.83 3.80
CA LYS A 31 -13.22 14.83 4.35
C LYS A 31 -13.71 13.43 4.03
N ASP A 32 -12.80 12.48 4.02
CA ASP A 32 -13.13 11.04 3.98
C ASP A 32 -13.87 10.63 2.70
N THR A 33 -13.59 11.33 1.59
CA THR A 33 -14.11 10.92 0.29
C THR A 33 -13.77 9.46 0.01
N ALA A 34 -12.49 9.09 0.20
CA ALA A 34 -12.06 7.72 -0.15
C ALA A 34 -12.63 6.68 0.83
N ALA A 35 -12.45 6.89 2.14
CA ALA A 35 -12.97 5.90 3.09
C ALA A 35 -14.48 5.86 3.05
N GLY A 36 -15.14 7.00 2.79
CA GLY A 36 -16.60 7.00 2.69
C GLY A 36 -17.13 6.24 1.48
N HIS A 37 -16.23 5.83 0.58
CA HIS A 37 -16.60 5.02 -0.59
C HIS A 37 -16.40 3.52 -0.37
N VAL A 38 -15.89 3.14 0.79
CA VAL A 38 -15.71 1.74 1.12
C VAL A 38 -17.03 1.22 1.68
N THR A 39 -17.68 0.35 0.93
CA THR A 39 -18.94 -0.21 1.36
C THR A 39 -18.98 -1.72 1.17
N THR A 40 -17.90 -2.33 0.66
CA THR A 40 -17.88 -3.73 0.28
C THR A 40 -16.48 -4.24 0.56
N PRO A 41 -16.31 -5.56 0.69
CA PRO A 41 -14.93 -6.12 0.73
C PRO A 41 -14.03 -5.65 -0.44
N CYS A 42 -14.55 -5.64 -1.66
CA CYS A 42 -13.70 -5.21 -2.80
C CYS A 42 -13.30 -3.75 -2.68
N THR A 43 -14.21 -2.85 -2.22
CA THR A 43 -13.72 -1.47 -2.11
C THR A 43 -12.81 -1.28 -0.89
N GLU A 44 -12.94 -2.06 0.20
CA GLU A 44 -11.92 -1.98 1.25
C GLU A 44 -10.58 -2.45 0.72
N ILE A 45 -10.56 -3.55 -0.01
CA ILE A 45 -9.32 -3.96 -0.66
C ILE A 45 -8.72 -2.82 -1.52
N LEU A 46 -9.53 -2.18 -2.35
CA LEU A 46 -8.99 -1.11 -3.19
C LEU A 46 -8.46 0.04 -2.34
N PHE A 47 -9.18 0.43 -1.27
CA PHE A 47 -8.69 1.50 -0.40
C PHE A 47 -7.35 1.12 0.22
N ASP A 48 -7.26 -0.11 0.73
CA ASP A 48 -6.09 -0.49 1.48
C ASP A 48 -4.86 -0.54 0.56
N LEU A 49 -5.04 -1.15 -0.60
CA LEU A 49 -3.94 -1.20 -1.56
C LEU A 49 -3.59 0.18 -2.10
N THR A 50 -4.60 1.02 -2.34
CA THR A 50 -4.33 2.36 -2.86
C THR A 50 -3.57 3.22 -1.85
N LEU A 51 -3.92 3.09 -0.57
CA LEU A 51 -3.22 3.86 0.46
C LEU A 51 -1.80 3.34 0.66
N ALA A 52 -1.63 2.01 0.69
CA ALA A 52 -0.26 1.48 0.79
C ALA A 52 0.59 2.01 -0.36
N LYS A 53 0.05 2.00 -1.58
CA LYS A 53 0.84 2.48 -2.71
C LYS A 53 1.12 3.96 -2.60
N HIS A 54 0.16 4.73 -2.05
CA HIS A 54 0.42 6.15 -1.78
C HIS A 54 1.63 6.34 -0.85
N TYR A 55 1.67 5.63 0.29
CA TYR A 55 2.83 5.75 1.18
C TYR A 55 4.12 5.31 0.51
N GLU A 56 4.06 4.18 -0.21
CA GLU A 56 5.25 3.71 -0.93
C GLU A 56 5.71 4.76 -1.93
N ASN A 57 4.78 5.41 -2.61
CA ASN A 57 5.16 6.39 -3.65
C ASN A 57 5.75 7.64 -3.03
N GLN A 58 5.25 8.03 -1.86
CA GLN A 58 5.87 9.14 -1.12
C GLN A 58 7.33 8.85 -0.82
N ILE A 59 7.64 7.61 -0.38
CA ILE A 59 9.03 7.27 -0.09
C ILE A 59 9.86 7.25 -1.37
N GLN A 60 9.34 6.62 -2.42
CA GLN A 60 10.05 6.59 -3.70
C GLN A 60 10.33 7.99 -4.25
N ALA A 61 9.35 8.91 -4.14
CA ALA A 61 9.56 10.27 -4.63
C ALA A 61 10.65 10.96 -3.84
N ALA A 62 10.62 10.81 -2.54
CA ALA A 62 11.67 11.41 -1.71
C ALA A 62 13.04 10.83 -2.05
N GLU A 63 13.12 9.50 -2.22
CA GLU A 63 14.42 8.90 -2.53
C GLU A 63 14.90 9.30 -3.92
N SER A 64 13.97 9.49 -4.87
CA SER A 64 14.35 9.97 -6.21
CA SER A 64 14.34 9.98 -6.20
C SER A 64 14.90 11.39 -6.14
N ALA A 65 14.31 12.23 -5.29
CA ALA A 65 14.82 13.58 -5.10
C ALA A 65 16.23 13.56 -4.51
N LEU A 66 16.49 12.66 -3.55
CA LEU A 66 17.85 12.54 -3.03
C LEU A 66 18.82 12.05 -4.08
N ASN A 67 18.43 11.02 -4.86
CA ASN A 67 19.32 10.51 -5.90
C ASN A 67 19.63 11.58 -6.94
N ARG A 68 18.63 12.35 -7.33
CA ARG A 68 18.89 13.46 -8.25
C ARG A 68 19.92 14.42 -7.65
N ASN A 69 19.77 14.72 -6.36
CA ASN A 69 20.69 15.64 -5.70
C ASN A 69 22.10 15.07 -5.66
N TYR A 70 22.23 13.77 -5.36
CA TYR A 70 23.57 13.18 -5.33
C TYR A 70 24.20 13.19 -6.72
N ALA A 71 23.39 12.94 -7.75
CA ALA A 71 23.88 13.04 -9.12
C ALA A 71 24.31 14.46 -9.46
N ALA A 72 23.59 15.48 -8.96
CA ALA A 72 24.06 16.86 -9.14
C ALA A 72 25.40 17.09 -8.45
N ILE A 73 25.58 16.51 -7.26
CA ILE A 73 26.83 16.76 -6.55
C ILE A 73 27.99 16.14 -7.30
N ARG A 74 27.83 14.93 -7.85
CA ARG A 74 28.89 14.34 -8.67
C ARG A 74 29.17 15.19 -9.91
N SER A 75 28.12 15.78 -10.52
CA SER A 75 28.32 16.61 -11.71
C SER A 75 29.14 17.84 -11.39
N TRP A 76 28.77 18.56 -10.33
CA TRP A 76 29.57 19.71 -9.92
C TRP A 76 30.98 19.32 -9.52
N THR A 77 31.17 18.15 -8.90
CA THR A 77 32.52 17.70 -8.60
C THR A 77 33.36 17.62 -9.86
N LEU A 78 32.79 17.07 -10.94
CA LEU A 78 33.55 17.04 -12.19
C LEU A 78 33.83 18.46 -12.71
N LEU A 79 32.83 19.35 -12.71
CA LEU A 79 33.06 20.69 -13.21
C LEU A 79 34.08 21.45 -12.37
N GLU A 80 34.11 21.20 -11.06
CA GLU A 80 35.09 21.85 -10.21
C GLU A 80 36.51 21.42 -10.58
N ALA A 81 36.70 20.14 -10.90
CA ALA A 81 38.01 19.67 -11.38
C ALA A 81 38.34 20.19 -12.77
N MET A 82 37.36 20.56 -13.59
CA MET A 82 37.64 20.99 -14.96
C MET A 82 37.85 22.50 -15.11
N SER A 83 37.65 23.28 -14.06
CA SER A 83 37.73 24.73 -14.20
C SER A 83 39.11 25.23 -13.80
N SER A 84 39.59 26.24 -14.51
CA SER A 84 40.90 26.82 -14.24
C SER A 84 40.85 27.99 -13.28
N ASP A 85 39.73 28.71 -13.25
CA ASP A 85 39.60 29.91 -12.43
C ASP A 85 39.39 29.54 -10.96
N GLY A 86 40.16 30.19 -10.08
CA GLY A 86 40.02 29.93 -8.66
C GLY A 86 38.63 30.25 -8.12
N ASN A 87 38.10 31.43 -8.45
CA ASN A 87 36.80 31.80 -7.90
C ASN A 87 35.68 30.95 -8.49
N ARG A 88 35.84 30.46 -9.71
CA ARG A 88 34.82 29.57 -10.27
C ARG A 88 34.89 28.19 -9.60
N GLN A 89 36.12 27.74 -9.29
CA GLN A 89 36.30 26.56 -8.47
C GLN A 89 35.64 26.71 -7.11
N ASN A 90 35.82 27.87 -6.46
CA ASN A 90 35.15 28.07 -5.18
C ASN A 90 33.64 28.05 -5.35
N ALA A 91 33.14 28.60 -6.47
CA ALA A 91 31.71 28.62 -6.71
C ALA A 91 31.16 27.19 -6.78
N TYR A 92 31.78 26.32 -7.58
CA TYR A 92 31.31 24.94 -7.62
C TYR A 92 31.41 24.29 -6.25
N THR A 93 32.49 24.57 -5.53
CA THR A 93 32.66 23.96 -4.21
C THR A 93 31.54 24.36 -3.28
N GLY A 94 31.09 25.61 -3.38
CA GLY A 94 29.96 26.03 -2.57
C GLY A 94 28.68 25.29 -2.92
N LEU A 95 28.48 24.99 -4.20
CA LEU A 95 27.31 24.20 -4.58
C LEU A 95 27.44 22.76 -4.09
N ILE A 96 28.65 22.20 -4.19
CA ILE A 96 28.90 20.86 -3.64
C ILE A 96 28.59 20.85 -2.14
N ALA A 97 29.14 21.81 -1.40
CA ALA A 97 28.97 21.81 0.06
C ALA A 97 27.50 21.99 0.42
N TYR A 98 26.83 22.94 -0.22
CA TYR A 98 25.40 23.13 -0.01
C TYR A 98 24.63 21.85 -0.31
N GLY A 99 24.90 21.21 -1.45
CA GLY A 99 24.18 20.00 -1.80
C GLY A 99 24.42 18.88 -0.82
N ILE A 100 25.68 18.68 -0.42
CA ILE A 100 25.96 17.62 0.53
C ILE A 100 25.20 17.87 1.83
N GLN A 101 25.26 19.12 2.33
CA GLN A 101 24.60 19.41 3.59
C GLN A 101 23.12 19.10 3.53
N ILE A 102 22.42 19.64 2.54
CA ILE A 102 20.97 19.48 2.58
C ILE A 102 20.57 18.04 2.25
N THR A 103 21.36 17.32 1.45
CA THR A 103 20.89 16.02 0.98
C THR A 103 21.17 14.96 2.03
N VAL A 104 22.35 15.03 2.66
CA VAL A 104 22.66 14.13 3.76
C VAL A 104 21.66 14.34 4.89
N ASN A 105 21.39 15.60 5.22
CA ASN A 105 20.41 15.89 6.26
CA ASN A 105 20.40 15.92 6.25
C ASN A 105 19.04 15.35 5.90
N ALA A 106 18.60 15.57 4.66
CA ALA A 106 17.26 15.10 4.29
C ALA A 106 17.23 13.59 4.23
N GLU A 107 18.34 12.95 3.84
CA GLU A 107 18.36 11.49 3.86
C GLU A 107 18.25 10.95 5.27
N GLN A 108 19.00 11.55 6.21
CA GLN A 108 18.88 11.14 7.61
C GLN A 108 17.47 11.38 8.14
N GLU A 109 16.89 12.54 7.82
CA GLU A 109 15.56 12.87 8.32
C GLU A 109 14.48 11.97 7.71
N LEU A 110 14.72 11.40 6.52
CA LEU A 110 13.71 10.58 5.86
C LEU A 110 13.48 9.27 6.60
N GLN A 111 14.48 8.80 7.34
CA GLN A 111 14.48 7.42 7.84
C GLN A 111 13.30 7.14 8.78
N GLY A 112 13.01 8.03 9.73
CA GLY A 112 11.88 7.77 10.63
C GLY A 112 10.55 7.72 9.89
N PRO A 113 10.25 8.76 9.13
CA PRO A 113 8.99 8.75 8.37
C PRO A 113 8.89 7.57 7.42
N LYS A 114 10.01 7.20 6.78
CA LYS A 114 10.00 6.05 5.88
C LYS A 114 9.57 4.78 6.61
N GLN A 115 10.17 4.53 7.75
CA GLN A 115 9.82 3.31 8.47
C GLN A 115 8.40 3.36 8.94
N THR A 116 7.93 4.53 9.40
CA THR A 116 6.52 4.63 9.84
C THR A 116 5.55 4.36 8.68
N LYS A 117 5.82 4.98 7.53
CA LYS A 117 4.94 4.77 6.37
C LYS A 117 5.03 3.34 5.84
N LEU A 118 6.21 2.74 5.86
CA LEU A 118 6.32 1.37 5.37
C LEU A 118 5.60 0.40 6.31
N ARG A 119 5.66 0.65 7.63
CA ARG A 119 4.90 -0.17 8.56
C ARG A 119 3.40 -0.17 8.21
N ALA A 120 2.85 1.02 7.92
CA ALA A 120 1.43 1.08 7.56
C ALA A 120 1.19 0.44 6.19
N ALA A 121 2.08 0.68 5.20
CA ALA A 121 1.85 0.07 3.90
C ALA A 121 1.88 -1.45 3.99
N ALA A 122 2.82 -2.02 4.76
CA ALA A 122 2.84 -3.48 4.86
C ALA A 122 1.56 -4.00 5.52
N ALA A 123 1.10 -3.34 6.57
CA ALA A 123 -0.09 -3.81 7.25
C ALA A 123 -1.31 -3.68 6.36
N LEU A 124 -1.39 -2.59 5.58
CA LEU A 124 -2.55 -2.46 4.68
C LEU A 124 -2.54 -3.52 3.59
N ARG A 125 -1.36 -3.82 3.04
CA ARG A 125 -1.28 -4.90 2.05
C ARG A 125 -1.65 -6.25 2.66
N HIS A 126 -1.22 -6.46 3.90
CA HIS A 126 -1.49 -7.68 4.64
C HIS A 126 -2.99 -7.83 4.85
N ARG A 127 -3.64 -6.74 5.25
CA ARG A 127 -5.10 -6.77 5.39
C ARG A 127 -5.80 -7.01 4.06
N ALA A 128 -5.36 -6.34 2.99
CA ALA A 128 -6.04 -6.57 1.71
C ALA A 128 -5.90 -8.03 1.29
N ALA A 129 -4.73 -8.65 1.53
CA ALA A 129 -4.57 -10.06 1.20
C ALA A 129 -5.57 -10.90 2.00
N ASN A 130 -5.62 -10.67 3.32
CA ASN A 130 -6.54 -11.38 4.19
C ASN A 130 -7.96 -11.32 3.66
N LEU A 131 -8.39 -10.10 3.33
CA LEU A 131 -9.78 -9.87 2.92
C LEU A 131 -10.07 -10.56 1.59
N SER A 132 -9.10 -10.51 0.67
CA SER A 132 -9.31 -11.18 -0.61
CA SER A 132 -9.29 -11.18 -0.61
C SER A 132 -9.46 -12.68 -0.43
N ALA A 133 -8.69 -13.27 0.50
CA ALA A 133 -8.76 -14.69 0.76
C ALA A 133 -10.08 -15.04 1.41
N ALA A 134 -10.53 -14.19 2.33
CA ALA A 134 -11.82 -14.45 2.95
C ALA A 134 -12.93 -14.33 1.92
N LEU A 135 -12.82 -13.34 1.03
CA LEU A 135 -13.83 -13.16 -0.01
C LEU A 135 -13.99 -14.41 -0.86
N GLN A 136 -12.87 -15.04 -1.25
CA GLN A 136 -12.97 -16.26 -2.06
C GLN A 136 -13.73 -17.37 -1.32
N ILE A 137 -13.46 -17.54 -0.03
CA ILE A 137 -14.15 -18.55 0.77
C ILE A 137 -15.63 -18.17 0.99
N GLN A 138 -15.91 -16.88 1.25
CA GLN A 138 -17.29 -16.48 1.53
C GLN A 138 -18.13 -16.51 0.28
N ALA A 139 -17.50 -16.63 -0.89
CA ALA A 139 -18.23 -16.81 -2.15
C ALA A 139 -18.69 -18.25 -2.38
N ALA A 140 -18.24 -19.20 -1.54
CA ALA A 140 -18.57 -20.62 -1.73
C ALA A 140 -19.92 -20.83 -1.09
N GLN A 141 -20.96 -20.57 -1.88
CA GLN A 141 -22.31 -20.40 -1.36
C GLN A 141 -23.25 -21.51 -1.76
N GLN A 142 -22.80 -22.47 -2.59
CA GLN A 142 -23.64 -23.60 -2.94
C GLN A 142 -22.92 -24.89 -2.57
N ALA A 143 -23.64 -25.79 -1.91
CA ALA A 143 -23.07 -27.04 -1.44
C ALA A 143 -23.23 -28.11 -2.50
N THR A 144 -22.27 -29.04 -2.56
CA THR A 144 -22.40 -30.28 -3.33
C THR A 144 -22.60 -31.38 -2.33
N LEU A 145 -23.76 -32.05 -2.38
CA LEU A 145 -24.02 -33.16 -1.48
C LEU A 145 -23.29 -34.41 -1.90
N THR A 146 -22.86 -35.18 -0.90
CA THR A 146 -22.37 -36.52 -1.19
C THR A 146 -23.51 -37.51 -1.03
N LYS A 147 -23.22 -38.74 -1.47
CA LYS A 147 -24.12 -39.86 -1.24
C LYS A 147 -24.16 -40.21 0.24
N PRO A 148 -25.34 -40.28 0.87
CA PRO A 148 -25.41 -40.57 2.30
C PRO A 148 -25.39 -42.07 2.59
N THR A 149 -25.36 -42.36 3.89
CA THR A 149 -25.49 -43.72 4.42
C THR A 149 -26.64 -43.70 5.42
N ALA A 150 -27.57 -44.64 5.26
CA ALA A 150 -28.71 -44.75 6.15
C ALA A 150 -28.35 -45.51 7.40
N GLY A 151 -28.94 -45.09 8.51
CA GLY A 151 -28.81 -45.82 9.75
C GLY A 151 -30.10 -45.78 10.53
N GLY A 152 -30.09 -46.47 11.67
CA GLY A 152 -31.06 -46.31 12.71
C GLY A 152 -30.58 -45.28 13.72
N ALA A 153 -30.83 -45.56 15.00
CA ALA A 153 -30.34 -44.66 16.02
C ALA A 153 -28.81 -44.63 15.98
N GLN A 154 -28.24 -43.44 16.08
CA GLN A 154 -26.79 -43.30 16.16
C GLN A 154 -26.47 -41.87 16.57
N THR A 155 -25.35 -41.71 17.27
CA THR A 155 -24.89 -40.37 17.64
C THR A 155 -24.88 -39.45 16.41
N PRO A 156 -25.40 -38.21 16.53
CA PRO A 156 -25.90 -37.59 17.76
C PRO A 156 -27.43 -37.65 17.90
N PHE A 157 -28.05 -38.68 17.31
CA PHE A 157 -29.49 -38.90 17.43
C PHE A 157 -29.69 -40.30 18.02
N SER A 158 -29.34 -40.45 19.29
CA SER A 158 -29.54 -41.72 19.98
C SER A 158 -31.00 -42.12 20.06
N GLY A 159 -31.93 -41.17 19.98
CA GLY A 159 -33.35 -41.48 20.01
C GLY A 159 -34.05 -41.62 18.67
N ALA A 160 -33.33 -41.51 17.55
CA ALA A 160 -33.99 -41.57 16.25
C ALA A 160 -34.25 -43.02 15.86
N THR A 161 -35.26 -43.20 15.01
CA THR A 161 -35.41 -44.48 14.35
C THR A 161 -34.85 -44.48 12.93
N GLY A 162 -34.65 -43.32 12.33
CA GLY A 162 -33.94 -43.23 11.08
C GLY A 162 -32.94 -42.10 11.10
N THR A 163 -31.76 -42.37 10.55
CA THR A 163 -30.73 -41.34 10.33
C THR A 163 -30.25 -41.42 8.90
N CYS A 164 -29.80 -40.29 8.38
CA CYS A 164 -29.22 -40.20 7.05
C CYS A 164 -27.96 -39.37 7.21
N LYS A 165 -26.81 -39.98 7.04
CA LYS A 165 -25.53 -39.37 7.41
C LYS A 165 -24.75 -39.00 6.16
N TYR A 166 -24.30 -37.74 6.08
CA TYR A 166 -23.50 -37.28 4.94
C TYR A 166 -22.10 -36.93 5.41
N GLU A 167 -21.09 -37.44 4.70
CA GLU A 167 -19.72 -37.04 4.96
C GLU A 167 -19.17 -36.28 3.77
N GLY A 168 -18.41 -35.21 4.06
CA GLY A 168 -17.68 -34.53 3.00
C GLY A 168 -18.55 -33.71 2.05
N ILE A 169 -19.65 -33.14 2.55
CA ILE A 169 -20.31 -32.09 1.79
C ILE A 169 -19.32 -30.95 1.56
N THR A 170 -19.27 -30.38 0.35
CA THR A 170 -18.34 -29.27 0.16
C THR A 170 -19.05 -28.11 -0.51
N ALA A 171 -18.41 -26.95 -0.38
CA ALA A 171 -18.81 -25.74 -1.11
C ALA A 171 -17.54 -25.09 -1.65
N THR A 172 -17.52 -24.77 -2.95
CA THR A 172 -16.39 -24.10 -3.58
C THR A 172 -16.92 -23.09 -4.60
N ALA A 173 -16.31 -21.91 -4.69
CA ALA A 173 -16.72 -20.98 -5.74
C ALA A 173 -15.67 -20.99 -6.83
N GLY A 174 -16.08 -20.60 -8.03
CA GLY A 174 -15.09 -20.25 -9.06
C GLY A 174 -14.23 -19.10 -8.58
N GLU A 175 -13.15 -18.85 -9.32
CA GLU A 175 -12.25 -17.75 -8.95
C GLU A 175 -12.97 -16.41 -8.90
N GLN A 176 -12.90 -15.71 -7.76
CA GLN A 176 -13.53 -14.41 -7.59
C GLN A 176 -12.55 -13.32 -8.03
N SER A 177 -13.09 -12.18 -8.49
CA SER A 177 -12.25 -11.02 -8.77
C SER A 177 -13.03 -9.77 -8.40
N CYS A 178 -12.32 -8.71 -8.04
CA CYS A 178 -13.00 -7.47 -7.69
C CYS A 178 -13.10 -6.62 -8.94
N LYS A 179 -14.30 -6.12 -9.22
CA LYS A 179 -14.51 -5.23 -10.36
C LYS A 179 -14.77 -3.83 -9.85
N TYR A 180 -14.06 -2.83 -10.38
CA TYR A 180 -14.21 -1.45 -9.95
C TYR A 180 -14.79 -0.60 -11.08
N SER A 181 -15.71 0.29 -10.71
CA SER A 181 -16.20 1.24 -11.69
C SER A 181 -15.24 2.45 -11.82
N THR A 182 -15.49 3.26 -12.83
CA THR A 182 -14.73 4.50 -13.01
C THR A 182 -14.75 5.34 -11.74
N GLU A 183 -15.93 5.51 -11.14
CA GLU A 183 -16.02 6.33 -9.94
CA GLU A 183 -16.02 6.33 -9.94
C GLU A 183 -15.36 5.68 -8.72
N ASP A 184 -15.39 4.34 -8.61
CA ASP A 184 -14.65 3.70 -7.53
C ASP A 184 -13.20 4.13 -7.59
N GLU A 185 -12.63 4.14 -8.81
CA GLU A 185 -11.20 4.43 -8.92
C GLU A 185 -10.94 5.91 -8.81
N GLU A 186 -11.95 6.76 -9.11
N GLU A 186 -11.94 6.74 -9.13
CA GLU A 186 -11.81 8.20 -8.93
CA GLU A 186 -11.75 8.16 -8.91
C GLU A 186 -11.93 8.60 -7.47
C GLU A 186 -11.82 8.51 -7.43
N LYS A 187 -12.81 7.94 -6.73
CA LYS A 187 -12.99 8.29 -5.30
C LYS A 187 -11.94 7.61 -4.42
N ILE A 188 -11.64 6.35 -4.67
CA ILE A 188 -10.68 5.64 -3.85
C ILE A 188 -9.36 5.77 -4.62
N ASN A 189 -8.63 6.83 -4.31
CA ASN A 189 -7.55 7.33 -5.16
C ASN A 189 -6.56 8.07 -4.25
N ALA A 190 -5.26 7.94 -4.54
CA ALA A 190 -4.24 8.73 -3.87
C ALA A 190 -4.54 10.23 -3.85
N ALA A 191 -5.22 10.74 -4.86
CA ALA A 191 -5.58 12.17 -4.87
C ALA A 191 -6.46 12.56 -3.69
N HIS A 192 -7.17 11.61 -3.08
CA HIS A 192 -8.02 11.88 -1.92
C HIS A 192 -7.41 11.34 -0.64
N MET A 193 -6.10 11.10 -0.61
CA MET A 193 -5.48 10.50 0.56
C MET A 193 -4.42 11.42 1.18
N ASN A 194 -4.58 12.71 1.01
CA ASN A 194 -3.68 13.58 1.75
CA ASN A 194 -3.71 13.63 1.74
C ASN A 194 -4.12 13.63 3.21
N PRO A 195 -3.16 13.79 4.13
CA PRO A 195 -3.50 13.70 5.56
C PRO A 195 -4.56 14.69 6.00
N GLU A 196 -4.63 15.85 5.35
CA GLU A 196 -5.56 16.89 5.78
C GLU A 196 -7.02 16.50 5.59
N VAL A 197 -7.33 15.50 4.76
CA VAL A 197 -8.71 15.09 4.53
C VAL A 197 -9.07 13.74 5.15
N MET A 198 -8.15 13.08 5.85
CA MET A 198 -8.45 11.73 6.33
C MET A 198 -8.68 11.76 7.84
N THR A 199 -9.88 11.35 8.30
CA THR A 199 -10.18 11.25 9.73
C THR A 199 -10.59 9.87 10.20
N GLN A 200 -10.84 8.93 9.28
CA GLN A 200 -11.32 7.60 9.65
C GLN A 200 -10.94 6.58 8.59
N ILE A 201 -11.10 5.30 8.96
CA ILE A 201 -11.03 4.22 7.98
C ILE A 201 -12.29 3.39 8.17
N THR A 202 -12.68 2.70 7.09
CA THR A 202 -13.83 1.80 7.08
C THR A 202 -13.32 0.39 6.82
N THR A 203 -13.78 -0.58 7.62
CA THR A 203 -13.27 -1.93 7.42
C THR A 203 -14.45 -2.88 7.46
N ILE A 204 -14.25 -4.05 6.85
CA ILE A 204 -15.22 -5.14 6.97
C ILE A 204 -15.17 -5.76 8.36
N GLY A 205 -16.34 -6.05 8.93
CA GLY A 205 -16.37 -6.64 10.25
C GLY A 205 -15.64 -7.98 10.28
N ASP A 206 -15.08 -8.31 11.46
CA ASP A 206 -14.27 -9.53 11.64
C ASP A 206 -15.00 -10.84 11.31
N LYS A 207 -16.30 -10.91 11.54
CA LYS A 207 -17.04 -12.15 11.26
C LYS A 207 -16.79 -12.65 9.83
N TYR A 208 -16.60 -11.72 8.88
CA TYR A 208 -16.39 -12.10 7.48
C TYR A 208 -15.11 -12.90 7.34
N LEU A 209 -14.12 -12.63 8.18
CA LEU A 209 -12.86 -13.32 8.15
C LEU A 209 -12.82 -14.56 9.05
N THR A 210 -13.79 -14.78 9.94
CA THR A 210 -13.67 -15.86 10.91
C THR A 210 -14.81 -16.86 10.90
N THR A 211 -15.94 -16.55 10.28
CA THR A 211 -17.15 -17.32 10.53
C THR A 211 -17.69 -17.91 9.23
N ILE A 212 -18.04 -19.20 9.30
CA ILE A 212 -18.81 -19.86 8.23
C ILE A 212 -20.27 -19.83 8.62
N THR A 213 -21.16 -19.49 7.69
CA THR A 213 -22.61 -19.42 7.93
C THR A 213 -23.31 -20.27 6.91
N LEU A 214 -24.38 -20.97 7.34
CA LEU A 214 -25.11 -21.77 6.37
C LEU A 214 -26.54 -21.99 6.86
N ASP A 215 -27.40 -22.32 5.91
CA ASP A 215 -28.78 -22.71 6.13
C ASP A 215 -28.87 -24.18 5.79
N ALA A 216 -29.69 -24.91 6.53
CA ALA A 216 -29.88 -26.31 6.18
C ALA A 216 -31.27 -26.73 6.58
N ILE A 217 -31.76 -27.78 5.92
CA ILE A 217 -33.10 -28.27 6.16
C ILE A 217 -33.10 -29.79 6.08
N ALA A 218 -33.81 -30.45 7.03
CA ALA A 218 -34.05 -31.88 6.98
C ALA A 218 -35.48 -32.16 6.51
N GLY A 219 -35.66 -33.26 5.77
CA GLY A 219 -36.99 -33.70 5.35
C GLY A 219 -37.21 -35.16 5.65
N SER A 220 -38.45 -35.50 6.02
CA SER A 220 -38.77 -36.87 6.39
C SER A 220 -40.12 -37.24 5.78
N LYS A 221 -40.27 -38.51 5.43
CA LYS A 221 -41.56 -39.04 5.00
C LYS A 221 -41.62 -40.49 5.42
N GLY A 222 -42.81 -40.95 5.82
CA GLY A 222 -42.92 -42.35 6.18
C GLY A 222 -42.12 -42.70 7.42
N ASN A 223 -41.51 -43.89 7.37
CA ASN A 223 -40.74 -44.49 8.47
C ASN A 223 -39.32 -44.79 7.99
N PRO A 224 -38.45 -43.78 7.82
CA PRO A 224 -37.08 -44.06 7.40
C PRO A 224 -36.28 -44.81 8.46
N THR A 225 -35.49 -45.79 8.03
CA THR A 225 -34.70 -46.61 8.96
C THR A 225 -33.36 -46.92 8.30
N GLN A 226 -32.61 -47.82 8.92
CA GLN A 226 -31.37 -48.26 8.32
C GLN A 226 -31.61 -49.00 7.00
N SER A 227 -32.81 -49.54 6.78
CA SER A 227 -33.11 -50.14 5.48
C SER A 227 -33.41 -49.11 4.38
N SER A 228 -33.43 -47.81 4.68
CA SER A 228 -33.65 -46.79 3.64
C SER A 228 -32.38 -46.54 2.82
N ALA A 229 -31.88 -47.58 2.15
CA ALA A 229 -30.53 -47.53 1.57
C ALA A 229 -30.53 -47.37 0.04
N THR A 230 -31.56 -46.78 -0.52
CA THR A 230 -31.56 -46.37 -1.93
C THR A 230 -31.15 -44.90 -1.97
N TYR A 231 -30.00 -44.63 -2.57
CA TYR A 231 -29.31 -43.35 -2.40
C TYR A 231 -29.28 -42.51 -3.68
N ALA A 232 -29.98 -42.94 -4.73
CA ALA A 232 -29.93 -42.30 -6.05
C ALA A 232 -30.33 -40.83 -6.02
N GLU A 233 -31.07 -40.38 -5.01
CA GLU A 233 -31.48 -38.97 -4.95
C GLU A 233 -30.65 -38.17 -3.94
N GLN A 234 -29.50 -38.69 -3.53
CA GLN A 234 -28.67 -38.11 -2.48
C GLN A 234 -29.48 -37.94 -1.19
N ASP A 235 -30.38 -38.89 -0.94
CA ASP A 235 -31.07 -39.00 0.34
C ASP A 235 -31.28 -40.48 0.62
N CYS A 236 -31.95 -40.80 1.72
CA CYS A 236 -32.13 -42.20 2.11
C CYS A 236 -33.59 -42.61 1.88
N GLN A 237 -33.83 -43.59 0.99
CA GLN A 237 -35.20 -43.97 0.68
C GLN A 237 -35.35 -45.49 0.67
N ASP A 238 -36.54 -45.96 1.04
CA ASP A 238 -36.91 -47.33 0.68
C ASP A 238 -38.43 -47.44 0.69
N GLY A 239 -38.91 -48.56 0.16
CA GLY A 239 -40.34 -48.82 0.15
C GLY A 239 -41.00 -48.22 -1.06
N GLY A 240 -42.03 -48.88 -1.59
CA GLY A 240 -42.68 -48.41 -2.81
C GLY A 240 -41.70 -48.27 -3.96
N ASN A 241 -41.78 -47.13 -4.67
CA ASN A 241 -40.87 -46.78 -5.77
C ASN A 241 -40.00 -45.57 -5.42
N PRO A 242 -38.86 -45.78 -4.76
CA PRO A 242 -37.95 -44.66 -4.49
C PRO A 242 -37.63 -43.87 -5.74
N GLY A 243 -37.56 -42.55 -5.60
CA GLY A 243 -37.36 -41.70 -6.74
C GLY A 243 -37.33 -40.24 -6.35
N PRO A 244 -37.27 -39.37 -7.35
CA PRO A 244 -37.16 -37.94 -7.07
C PRO A 244 -38.30 -37.48 -6.18
N ASN A 245 -37.99 -36.47 -5.35
CA ASN A 245 -38.99 -35.81 -4.47
C ASN A 245 -39.58 -36.80 -3.46
N PHE A 246 -38.71 -37.57 -2.82
CA PHE A 246 -39.15 -38.58 -1.84
C PHE A 246 -40.17 -39.52 -2.47
N GLY A 247 -39.85 -40.04 -3.66
CA GLY A 247 -40.78 -40.93 -4.34
C GLY A 247 -41.13 -42.16 -3.53
N GLY A 248 -40.22 -42.64 -2.73
CA GLY A 248 -40.44 -43.86 -1.98
C GLY A 248 -41.31 -43.68 -0.75
N ALA A 249 -41.67 -44.85 -0.19
CA ALA A 249 -42.56 -44.87 0.96
C ALA A 249 -41.94 -44.18 2.17
N ASN A 250 -40.66 -44.45 2.43
CA ASN A 250 -39.92 -43.93 3.58
C ASN A 250 -38.70 -43.17 3.09
N ALA A 251 -38.48 -41.96 3.63
CA ALA A 251 -37.41 -41.12 3.12
C ALA A 251 -36.90 -40.19 4.22
N LEU A 252 -35.59 -39.99 4.22
CA LEU A 252 -34.91 -39.05 5.12
C LEU A 252 -33.77 -38.41 4.35
N GLY A 253 -33.61 -37.11 4.51
CA GLY A 253 -32.47 -36.46 3.87
C GLY A 253 -32.30 -35.09 4.44
N LEU A 254 -31.18 -34.44 4.06
CA LEU A 254 -31.03 -33.03 4.35
C LEU A 254 -30.40 -32.34 3.14
N GLN A 255 -30.56 -31.03 3.08
CA GLN A 255 -29.76 -30.22 2.15
C GLN A 255 -29.20 -29.02 2.88
N VAL A 256 -27.99 -28.62 2.47
CA VAL A 256 -27.44 -27.34 2.85
C VAL A 256 -27.84 -26.38 1.73
N THR A 257 -28.78 -25.48 2.00
CA THR A 257 -29.40 -24.74 0.90
C THR A 257 -28.65 -23.46 0.55
N LYS A 258 -27.79 -22.96 1.43
CA LYS A 258 -26.86 -21.91 1.03
C LYS A 258 -25.80 -21.76 2.12
N LEU A 259 -24.69 -21.13 1.75
CA LEU A 259 -23.63 -20.75 2.70
C LEU A 259 -23.25 -19.32 2.40
N GLY A 260 -22.49 -18.73 3.32
CA GLY A 260 -21.85 -17.43 3.11
C GLY A 260 -22.21 -16.48 4.24
N THR A 261 -21.22 -15.79 4.76
CA THR A 261 -21.40 -14.81 5.84
C THR A 261 -21.50 -13.43 5.21
N LYS A 262 -22.45 -12.63 5.67
CA LYS A 262 -22.66 -11.30 5.10
C LYS A 262 -21.57 -10.36 5.55
N ALA A 263 -21.03 -9.56 4.63
CA ALA A 263 -20.04 -8.57 5.05
C ALA A 263 -20.78 -7.41 5.71
N THR A 264 -20.22 -6.88 6.80
CA THR A 264 -20.74 -5.62 7.36
C THR A 264 -19.59 -4.62 7.38
N THR A 265 -19.88 -3.33 7.55
CA THR A 265 -18.78 -2.38 7.61
C THR A 265 -18.77 -1.66 8.96
N GLU A 266 -17.60 -1.13 9.29
CA GLU A 266 -17.36 -0.49 10.60
C GLU A 266 -16.48 0.72 10.34
N LYS A 267 -16.69 1.79 11.12
CA LYS A 267 -15.82 2.97 11.04
C LYS A 267 -14.88 3.04 12.25
N THR A 268 -13.65 3.48 12.01
CA THR A 268 -12.68 3.67 13.10
C THR A 268 -11.99 5.01 12.93
N ASN A 269 -12.00 5.85 13.96
CA ASN A 269 -11.38 7.16 13.82
C ASN A 269 -9.85 7.06 13.96
N LEU A 270 -9.16 7.92 13.20
CA LEU A 270 -7.70 7.94 13.29
C LEU A 270 -7.23 8.71 14.51
N TYR A 271 -7.94 9.80 14.88
CA TYR A 271 -7.45 10.73 15.89
C TYR A 271 -8.32 10.68 17.13
N THR A 272 -7.72 11.10 18.26
CA THR A 272 -8.49 11.33 19.45
C THR A 272 -9.51 12.46 19.24
N ALA A 273 -10.33 12.71 20.26
CA ALA A 273 -11.35 13.74 20.10
C ALA A 273 -10.71 15.11 19.90
N GLY A 274 -9.52 15.33 20.46
CA GLY A 274 -8.83 16.60 20.31
C GLY A 274 -8.23 16.81 18.94
N GLY A 275 -8.04 15.72 18.18
CA GLY A 275 -7.68 15.86 16.80
C GLY A 275 -6.20 15.80 16.51
N THR A 276 -5.35 15.94 17.51
CA THR A 276 -3.92 15.94 17.25
C THR A 276 -3.33 14.51 17.30
N GLU A 277 -3.69 13.76 18.34
CA GLU A 277 -3.00 12.54 18.72
C GLU A 277 -3.67 11.33 18.07
N CYS A 278 -2.87 10.30 17.81
CA CYS A 278 -3.45 9.08 17.27
C CYS A 278 -4.30 8.37 18.30
N GLU A 279 -5.49 7.96 17.89
CA GLU A 279 -6.32 7.08 18.68
C GLU A 279 -5.73 5.65 18.54
N HIS A 280 -6.11 4.77 19.40
CA HIS A 280 -5.73 3.37 19.23
C HIS A 280 -4.22 3.13 19.36
N GLN A 281 -3.55 3.92 20.20
CA GLN A 281 -2.16 3.58 20.51
C GLN A 281 -2.05 2.18 21.11
N PRO A 282 -1.06 1.39 20.73
CA PRO A 282 -0.95 0.03 21.29
C PRO A 282 -0.38 0.04 22.70
N GLY A 283 -0.45 -1.11 23.38
CA GLY A 283 0.10 -1.17 24.72
C GLY A 283 -0.92 -0.87 25.79
N ASN A 284 -2.20 -0.66 25.40
CA ASN A 284 -3.22 -0.30 26.40
C ASN A 284 -4.26 -1.41 26.58
N GLY A 285 -4.00 -2.59 26.02
CA GLY A 285 -4.95 -3.68 26.12
C GLY A 285 -5.17 -4.27 24.74
N PRO A 286 -5.88 -5.37 24.66
CA PRO A 286 -6.06 -6.04 23.34
C PRO A 286 -6.75 -5.11 22.35
N GLN A 287 -6.43 -5.26 21.06
CA GLN A 287 -7.04 -4.42 20.03
C GLN A 287 -7.58 -5.27 18.91
N LYS A 288 -8.55 -4.73 18.20
CA LYS A 288 -9.03 -5.37 16.99
C LYS A 288 -8.21 -4.91 15.80
N THR A 289 -8.29 -5.68 14.72
CA THR A 289 -7.53 -5.38 13.51
C THR A 289 -7.75 -3.94 13.06
N LYS A 290 -9.02 -3.52 13.03
CA LYS A 290 -9.34 -2.16 12.59
C LYS A 290 -8.63 -1.09 13.46
N GLN A 291 -8.45 -1.36 14.73
CA GLN A 291 -7.83 -0.39 15.62
C GLN A 291 -6.33 -0.33 15.37
N ARG A 292 -5.71 -1.51 15.18
CA ARG A 292 -4.29 -1.53 14.85
CA ARG A 292 -4.29 -1.55 14.82
C ARG A 292 -4.05 -0.82 13.51
N LEU A 293 -4.93 -1.02 12.52
CA LEU A 293 -4.74 -0.39 11.23
C LEU A 293 -4.93 1.10 11.35
N ALA A 294 -5.92 1.54 12.13
CA ALA A 294 -6.16 2.97 12.25
C ALA A 294 -4.96 3.65 12.90
N TYR A 295 -4.34 2.98 13.88
CA TYR A 295 -3.19 3.59 14.52
C TYR A 295 -2.05 3.76 13.52
N LEU A 296 -1.77 2.71 12.73
CA LEU A 296 -0.64 2.77 11.80
C LEU A 296 -0.88 3.84 10.72
N VAL A 297 -2.13 3.92 10.27
CA VAL A 297 -2.49 4.90 9.25
C VAL A 297 -2.34 6.29 9.80
N CYS A 298 -2.83 6.51 11.04
CA CYS A 298 -2.67 7.81 11.67
C CYS A 298 -1.20 8.18 11.75
N GLU A 299 -0.34 7.27 12.25
CA GLU A 299 1.06 7.64 12.39
C GLU A 299 1.71 7.91 11.05
N ALA A 300 1.36 7.11 10.04
CA ALA A 300 1.92 7.30 8.70
C ALA A 300 1.47 8.64 8.11
N ASN A 301 0.22 9.03 8.39
CA ASN A 301 -0.29 10.34 7.95
C ASN A 301 0.43 11.47 8.64
N LYS A 302 0.75 11.30 9.94
CA LYS A 302 1.43 12.37 10.67
C LYS A 302 2.91 12.48 10.33
N ALA A 303 3.52 11.42 9.84
CA ALA A 303 4.97 11.39 9.58
C ALA A 303 5.26 12.04 8.23
N ALA A 304 5.09 13.35 8.17
CA ALA A 304 5.31 14.07 6.92
C ALA A 304 6.79 14.04 6.52
N ILE A 305 7.02 13.87 5.22
CA ILE A 305 8.37 13.89 4.65
C ILE A 305 8.72 15.31 4.25
N ILE A 306 9.94 15.74 4.56
CA ILE A 306 10.51 17.01 4.10
C ILE A 306 11.44 16.71 2.93
N THR A 307 11.10 17.18 1.78
CA THR A 307 11.96 17.01 0.61
C THR A 307 12.84 18.23 0.44
N PRO A 308 14.15 18.06 0.24
CA PRO A 308 15.03 19.22 0.09
C PRO A 308 14.90 19.82 -1.30
N THR A 309 15.55 20.96 -1.45
CA THR A 309 15.58 21.62 -2.74
C THR A 309 16.16 20.67 -3.79
N ASP A 310 15.52 20.67 -4.96
CA ASP A 310 16.08 20.00 -6.14
C ASP A 310 17.27 20.81 -6.68
N LEU A 311 18.48 20.30 -6.45
CA LEU A 311 19.70 20.93 -6.95
C LEU A 311 19.73 21.07 -8.48
N GLN A 312 19.24 20.07 -9.21
CA GLN A 312 19.35 20.14 -10.68
C GLN A 312 18.52 21.27 -11.30
N THR A 313 17.53 21.79 -10.60
CA THR A 313 16.74 22.90 -11.12
C THR A 313 16.83 24.13 -10.22
N LEU A 314 17.85 24.18 -9.39
CA LEU A 314 18.12 25.31 -8.53
C LEU A 314 18.08 26.64 -9.28
N THR A 315 17.41 27.63 -8.71
CA THR A 315 17.48 29.01 -9.21
C THR A 315 18.45 29.83 -8.36
N LEU A 316 18.87 30.98 -8.92
CA LEU A 316 19.76 31.87 -8.17
C LEU A 316 19.11 32.32 -6.85
N ASP A 317 17.84 32.73 -6.91
CA ASP A 317 17.16 33.26 -5.74
C ASP A 317 17.01 32.20 -4.65
N ALA A 318 16.68 30.96 -5.01
CA ALA A 318 16.63 29.89 -4.03
C ALA A 318 18.00 29.66 -3.39
N LEU A 319 19.06 29.78 -4.18
CA LEU A 319 20.39 29.54 -3.64
C LEU A 319 20.77 30.60 -2.62
N ILE A 320 20.69 31.88 -3.03
CA ILE A 320 21.17 32.96 -2.16
C ILE A 320 20.23 33.17 -0.98
N SER A 321 18.96 32.79 -1.10
CA SER A 321 18.07 32.88 0.05
C SER A 321 18.10 31.62 0.90
N ALA A 322 18.81 30.58 0.49
CA ALA A 322 18.90 29.36 1.29
C ALA A 322 19.63 29.66 2.59
N PRO A 323 19.10 29.22 3.74
CA PRO A 323 19.78 29.55 5.00
C PRO A 323 21.19 28.97 5.11
N GLU A 324 21.42 27.76 4.61
CA GLU A 324 22.74 27.13 4.70
C GLU A 324 23.82 27.90 3.94
N MET A 325 23.45 28.72 2.95
CA MET A 325 24.46 29.37 2.13
C MET A 325 25.12 30.56 2.81
N ALA A 326 24.60 31.04 3.94
CA ALA A 326 25.26 32.13 4.64
C ALA A 326 26.61 31.69 5.16
N ALA A 327 26.63 30.64 6.01
CA ALA A 327 27.88 30.13 6.54
C ALA A 327 28.77 29.52 5.47
N ILE A 328 28.18 28.90 4.43
CA ILE A 328 29.00 28.34 3.36
C ILE A 328 29.65 29.45 2.57
N GLY A 329 28.86 30.43 2.14
CA GLY A 329 29.43 31.55 1.39
C GLY A 329 30.43 32.36 2.22
N ASP A 330 30.14 32.55 3.50
CA ASP A 330 31.10 33.24 4.36
C ASP A 330 32.41 32.47 4.44
N ALA A 331 32.35 31.14 4.34
CA ALA A 331 33.54 30.30 4.45
C ALA A 331 34.35 30.30 3.16
N LEU A 332 33.70 30.48 2.01
CA LEU A 332 34.32 30.33 0.72
C LEU A 332 34.57 31.63 -0.03
N LEU A 333 33.92 32.73 0.36
CA LEU A 333 33.97 33.97 -0.43
C LEU A 333 34.66 35.19 0.23
N ILE A 351 26.77 39.03 2.93
CA ILE A 351 27.02 37.68 2.39
C ILE A 351 26.31 37.48 1.06
N GLN A 352 25.03 37.87 1.00
CA GLN A 352 24.29 37.68 -0.23
C GLN A 352 24.89 38.45 -1.39
N GLN A 353 25.49 39.63 -1.12
CA GLN A 353 26.20 40.33 -2.17
C GLN A 353 27.39 39.51 -2.67
N LEU A 354 28.15 38.89 -1.75
CA LEU A 354 29.18 37.96 -2.17
C LEU A 354 28.62 36.79 -2.98
N LEU A 355 27.43 36.29 -2.61
CA LEU A 355 26.91 35.14 -3.33
C LEU A 355 26.60 35.50 -4.77
N LYS A 356 25.94 36.64 -4.98
CA LYS A 356 25.67 37.10 -6.34
C LYS A 356 26.98 37.32 -7.10
N LYS A 357 27.98 37.87 -6.43
CA LYS A 357 29.29 38.03 -7.04
C LYS A 357 29.83 36.68 -7.50
N ALA A 358 29.62 35.63 -6.72
CA ALA A 358 30.11 34.31 -7.14
C ALA A 358 29.21 33.65 -8.17
N TYR A 359 27.88 33.68 -7.98
CA TYR A 359 26.97 32.85 -8.78
C TYR A 359 26.23 33.62 -9.86
N GLY A 360 26.35 34.93 -9.92
CA GLY A 360 25.62 35.70 -10.89
C GLY A 360 24.70 36.75 -10.31
N GLN A 361 24.52 37.85 -11.04
CA GLN A 361 23.54 38.84 -10.65
C GLN A 361 22.11 38.48 -11.07
N THR A 362 21.94 37.63 -12.09
CA THR A 362 20.63 37.19 -12.55
C THR A 362 20.53 35.67 -12.49
N ASN A 363 19.31 35.15 -12.60
CA ASN A 363 19.17 33.72 -12.70
C ASN A 363 19.65 33.22 -14.06
N GLU A 364 19.48 34.02 -15.11
CA GLU A 364 19.87 33.60 -16.45
C GLU A 364 21.35 33.21 -16.51
N GLN A 365 22.22 33.99 -15.86
CA GLN A 365 23.65 33.68 -15.91
C GLN A 365 24.01 32.61 -14.89
N PHE A 366 23.32 32.56 -13.76
CA PHE A 366 23.47 31.42 -12.86
C PHE A 366 23.12 30.12 -13.58
N GLN A 367 21.97 30.10 -14.25
CA GLN A 367 21.59 28.92 -15.04
C GLN A 367 22.67 28.58 -16.07
N LYS A 368 23.10 29.58 -16.86
CA LYS A 368 24.14 29.31 -17.86
C LYS A 368 25.43 28.77 -17.24
N ASN A 369 25.89 29.34 -16.12
CA ASN A 369 27.22 28.98 -15.61
C ASN A 369 27.21 27.72 -14.76
N PHE A 370 26.11 27.45 -14.06
CA PHE A 370 26.10 26.42 -13.02
C PHE A 370 25.05 25.35 -13.17
N ILE A 371 24.02 25.53 -14.00
CA ILE A 371 22.93 24.57 -14.13
C ILE A 371 22.90 23.92 -15.52
N LYS A 372 22.86 24.74 -16.57
CA LYS A 372 22.85 24.22 -17.94
C LYS A 372 24.02 23.31 -18.29
N PRO A 373 25.26 23.54 -17.83
CA PRO A 373 26.33 22.61 -18.19
C PRO A 373 26.08 21.17 -17.78
N LEU A 374 25.18 20.91 -16.84
CA LEU A 374 24.96 19.55 -16.37
C LEU A 374 24.45 18.66 -17.49
N ALA A 375 23.43 19.11 -18.22
CA ALA A 375 22.85 18.32 -19.30
C ALA A 375 23.39 18.67 -20.68
N ALA A 376 24.16 19.75 -20.81
CA ALA A 376 24.57 20.23 -22.12
C ALA A 376 26.07 20.17 -22.39
N GLN A 377 26.91 20.33 -21.37
CA GLN A 377 28.35 20.35 -21.59
C GLN A 377 28.84 18.94 -21.83
N THR A 378 29.49 18.73 -22.98
CA THR A 378 30.05 17.44 -23.34
C THR A 378 31.48 17.32 -22.80
N VAL A 379 31.82 16.13 -22.33
CA VAL A 379 33.13 15.80 -21.83
C VAL A 379 33.61 14.60 -22.63
N LYS A 380 34.81 14.69 -23.19
CA LYS A 380 35.33 13.59 -23.99
C LYS A 380 36.77 13.37 -23.59
N PHE A 381 37.20 12.10 -23.56
CA PHE A 381 38.57 11.72 -23.22
C PHE A 381 38.77 10.24 -23.51
N LYS A 382 40.02 9.81 -23.43
CA LYS A 382 40.37 8.41 -23.69
C LYS A 382 41.27 7.82 -22.60
N SER A 389 33.18 9.95 -24.21
CA SER A 389 32.30 11.05 -24.59
C SER A 389 30.88 10.97 -23.99
N ASN A 390 30.50 11.98 -23.21
CA ASN A 390 29.17 12.03 -22.61
C ASN A 390 28.96 13.42 -22.03
N THR A 391 27.69 13.76 -21.78
CA THR A 391 27.42 15.00 -21.09
C THR A 391 27.75 14.85 -19.60
N VAL A 392 27.93 16.00 -18.93
CA VAL A 392 28.45 16.01 -17.55
C VAL A 392 27.63 15.12 -16.63
N ALA A 393 26.33 15.39 -16.49
CA ALA A 393 25.53 14.69 -15.48
C ALA A 393 25.41 13.20 -15.76
N ALA A 394 25.21 12.82 -17.02
CA ALA A 394 25.14 11.40 -17.33
C ALA A 394 26.49 10.72 -17.13
N LEU A 395 27.58 11.39 -17.51
CA LEU A 395 28.91 10.84 -17.28
C LEU A 395 29.13 10.54 -15.80
N MET A 396 28.76 11.48 -14.91
CA MET A 396 29.07 11.30 -13.50
C MET A 396 28.08 10.37 -12.80
N SER A 397 27.14 9.80 -13.55
CA SER A 397 26.30 8.71 -13.07
C SER A 397 26.55 7.43 -13.85
N SER A 398 27.63 7.37 -14.60
CA SER A 398 27.92 6.28 -15.50
C SER A 398 29.09 5.43 -14.98
N PRO A 399 29.37 4.30 -15.63
CA PRO A 399 30.55 3.51 -15.24
C PRO A 399 31.88 4.25 -15.33
N ASN A 400 31.94 5.37 -16.05
CA ASN A 400 33.16 6.13 -16.18
C ASN A 400 33.21 7.36 -15.28
N SER A 401 32.31 7.45 -14.29
CA SER A 401 32.24 8.64 -13.46
C SER A 401 33.56 8.89 -12.75
N GLY A 402 34.00 7.92 -11.94
CA GLY A 402 35.25 8.09 -11.22
C GLY A 402 36.43 8.37 -12.13
N LEU A 403 36.49 7.68 -13.27
CA LEU A 403 37.62 7.82 -14.17
C LEU A 403 37.65 9.21 -14.82
N ALA A 404 36.47 9.77 -15.12
CA ALA A 404 36.41 11.14 -15.63
C ALA A 404 36.94 12.12 -14.60
N LEU A 405 36.64 11.89 -13.33
CA LEU A 405 37.13 12.79 -12.29
C LEU A 405 38.64 12.69 -12.16
N ALA A 406 39.17 11.46 -12.15
CA ALA A 406 40.61 11.27 -12.02
C ALA A 406 41.34 11.89 -13.21
N TYR A 407 40.81 11.66 -14.40
CA TYR A 407 41.44 12.20 -15.61
C TYR A 407 41.53 13.72 -15.56
N HIS A 408 40.46 14.40 -15.13
CA HIS A 408 40.49 15.86 -15.19
C HIS A 408 41.20 16.48 -13.98
N LYS A 409 41.16 15.81 -12.83
CA LYS A 409 41.92 16.32 -11.69
C LYS A 409 43.42 16.18 -11.92
N GLY A 410 43.84 15.17 -12.70
CA GLY A 410 45.24 15.02 -13.02
C GLY A 410 45.71 15.89 -14.16
N LYS A 411 44.81 16.28 -15.06
CA LYS A 411 45.22 17.09 -16.20
C LYS A 411 45.32 18.56 -15.80
C1 NAG B . -4.32 -11.13 8.58
C2 NAG B . -4.18 -10.20 9.79
C3 NAG B . -3.42 -10.92 10.92
C4 NAG B . -3.99 -12.30 11.19
C5 NAG B . -4.17 -13.08 9.89
C6 NAG B . -4.86 -14.42 10.07
C7 NAG B . -4.07 -7.80 9.14
C8 NAG B . -3.13 -6.62 8.97
N2 NAG B . -3.48 -8.97 9.44
O3 NAG B . -3.46 -10.08 12.07
O4 NAG B . -3.04 -13.09 11.94
O5 NAG B . -4.97 -12.30 8.98
O6 NAG B . -6.05 -14.39 10.87
O7 NAG B . -5.30 -7.69 8.99
C1 NAG B . -3.41 -13.12 13.29
C2 NAG B . -2.69 -14.32 13.89
C3 NAG B . -2.80 -14.31 15.42
C4 NAG B . -2.35 -12.97 15.98
C5 NAG B . -3.22 -11.91 15.32
C6 NAG B . -2.92 -10.51 15.82
C7 NAG B . -2.50 -16.34 12.55
C8 NAG B . -3.15 -17.59 12.06
N2 NAG B . -3.22 -15.56 13.36
O3 NAG B . -2.06 -15.39 15.95
O4 NAG B . -2.64 -12.99 17.38
O5 NAG B . -2.95 -11.92 13.89
O6 NAG B . -1.59 -10.15 15.52
O7 NAG B . -1.41 -16.01 12.18
C1 BMA B . -1.52 -12.70 18.17
C2 BMA B . -1.99 -11.90 19.38
C3 BMA B . -0.82 -11.70 20.32
C4 BMA B . -0.10 -13.02 20.62
C5 BMA B . 0.27 -13.79 19.29
C6 BMA B . 0.86 -15.20 19.59
O2 BMA B . -2.94 -12.70 20.08
O3 BMA B . -1.22 -11.13 21.61
O4 BMA B . 1.12 -12.68 21.20
O5 BMA B . -0.97 -13.96 18.56
O6 BMA B . -0.13 -15.88 20.36
C1 MAN B . 0.32 -17.21 20.73
C2 MAN B . -0.76 -17.80 21.63
C3 MAN B . -0.83 -17.05 22.96
C4 MAN B . 0.54 -17.00 23.61
C5 MAN B . 1.55 -16.38 22.65
C6 MAN B . 2.91 -16.31 23.23
O2 MAN B . -0.56 -19.22 21.94
O3 MAN B . -1.72 -17.73 23.83
O4 MAN B . 0.48 -16.17 24.79
O5 MAN B . 1.61 -17.13 21.36
O6 MAN B . 3.71 -15.90 22.20
C1 MAN B . -2.58 -16.81 24.50
C2 MAN B . -3.14 -17.56 25.74
C3 MAN B . -3.98 -18.71 25.20
C4 MAN B . -5.14 -18.18 24.25
C5 MAN B . -4.50 -17.42 23.09
C6 MAN B . -5.52 -16.79 22.14
O2 MAN B . -3.97 -16.71 26.61
O3 MAN B . -4.42 -19.57 26.22
O4 MAN B . -5.93 -19.24 23.70
O5 MAN B . -3.62 -16.37 23.63
O6 MAN B . -6.08 -15.62 22.75
C1 MAN B . -1.33 -9.69 21.67
C2 MAN B . -1.34 -9.28 23.20
C3 MAN B . -2.64 -9.80 23.83
C4 MAN B . -3.87 -9.36 23.08
C5 MAN B . -3.78 -9.62 21.54
C6 MAN B . -4.78 -8.77 20.72
O2 MAN B . -1.24 -7.85 23.44
O3 MAN B . -2.80 -9.39 25.17
O4 MAN B . -4.96 -10.08 23.63
O5 MAN B . -2.48 -9.22 21.03
O6 MAN B . -4.31 -7.27 20.66
#